data_7RPU
#
_entry.id   7RPU
#
_cell.length_a   52.293
_cell.length_b   66.427
_cell.length_c   67.981
_cell.angle_alpha   90.000
_cell.angle_beta   104.240
_cell.angle_gamma   90.000
#
_symmetry.space_group_name_H-M   'P 1 21 1'
#
loop_
_entity.id
_entity.type
_entity.pdbx_description
1 polymer '3A6 Fab heavy chain'
2 polymer '3A6 Fab light chain'
3 polymer 'GP2 epitope peptide'
4 water water
#
loop_
_entity_poly.entity_id
_entity_poly.type
_entity_poly.pdbx_seq_one_letter_code
_entity_poly.pdbx_strand_id
1 'polypeptide(L)'
;EVQLLESGGGLVKPGGSLRLSCAASGFTFNEYMMNWVRQPPGKGLEWVSSISGTSTYINYADSVKGRFTISRDNAKNSLY
LQMNSLRSDDTAMYYCARGSTGGYWGQGTLITVSSASTKGPSVFPLAPSSKSTSGGTAALGCLVKDYFPEPVTVSWNSGA
LTSGVHTFPAVLQSSGLYSLSSVVTVPSSSLGTQTYICNVNHKPSNTKVDKKVEPKSC
;
A
2 'polypeptide(L)'
;DIVMTQTPLSSAVTLGQPASISCRSSQRLVHSDGNTYLSWLHQRPGQPPRLLIYKVSLRFSGVPDRFSGSGAGTDFTLKI
SRVEAEDVGIYYCMQATQFPLTFGGGTKVEIKRTVAAPSVFIFPPSDEQLKSGTASVVCLLNNFYPREAKVQWKVDNALQ
SGNSQESVTEQDSKDSTYSLSSTLTLSKADYEKHKVYACEVTHQGLSSPVTKSFNRGEC
;
B
3 'polypeptide(L)' IIHDFVDKTLPDQGD P
#
# COMPACT_ATOMS: atom_id res chain seq x y z
N GLU A 1 -16.43 12.64 15.71
CA GLU A 1 -14.95 12.44 15.69
C GLU A 1 -14.33 13.31 14.61
N VAL A 2 -13.01 13.47 14.68
CA VAL A 2 -12.28 14.20 13.64
C VAL A 2 -12.38 13.42 12.34
N GLN A 3 -12.68 14.14 11.25
CA GLN A 3 -12.67 13.57 9.93
C GLN A 3 -11.94 14.52 8.98
N LEU A 4 -11.14 13.93 8.10
CA LEU A 4 -10.49 14.62 7.00
C LEU A 4 -10.71 13.77 5.76
N LEU A 5 -11.04 14.40 4.64
CA LEU A 5 -11.25 13.67 3.40
C LEU A 5 -10.75 14.46 2.21
N GLU A 6 -9.84 13.87 1.46
CA GLU A 6 -9.24 14.49 0.29
C GLU A 6 -10.05 14.20 -0.96
N SER A 7 -10.03 15.15 -1.88
CA SER A 7 -10.57 14.94 -3.22
C SER A 7 -9.74 15.71 -4.22
N GLY A 8 -9.99 15.45 -5.50
CA GLY A 8 -9.36 16.19 -6.58
C GLY A 8 -8.14 15.54 -7.20
N GLY A 9 -7.78 14.35 -6.77
CA GLY A 9 -6.64 13.68 -7.34
C GLY A 9 -6.98 13.08 -8.69
N GLY A 10 -6.06 12.29 -9.18
CA GLY A 10 -6.28 11.54 -10.39
C GLY A 10 -5.08 11.60 -11.30
N LEU A 11 -5.33 11.32 -12.56
CA LEU A 11 -4.31 11.24 -13.58
C LEU A 11 -4.20 12.55 -14.34
N VAL A 12 -2.97 12.98 -14.60
CA VAL A 12 -2.70 14.19 -15.34
C VAL A 12 -1.42 14.00 -16.13
N LYS A 13 -1.31 14.71 -17.24
CA LYS A 13 -0.11 14.62 -18.07
C LYS A 13 1.02 15.47 -17.48
N PRO A 14 2.28 15.11 -17.75
CA PRO A 14 3.39 15.98 -17.39
C PRO A 14 3.16 17.39 -17.90
N GLY A 15 3.46 18.37 -17.04
CA GLY A 15 3.21 19.76 -17.34
C GLY A 15 1.83 20.24 -16.96
N GLY A 16 0.93 19.33 -16.61
CA GLY A 16 -0.43 19.69 -16.28
C GLY A 16 -0.58 20.16 -14.84
N SER A 17 -1.83 20.37 -14.46
CA SER A 17 -2.17 20.92 -13.16
C SER A 17 -3.35 20.16 -12.54
N LEU A 18 -3.40 20.15 -11.22
CA LEU A 18 -4.51 19.61 -10.46
C LEU A 18 -4.71 20.49 -9.24
N ARG A 19 -5.91 20.44 -8.68
N ARG A 19 -5.91 20.43 -8.68
CA ARG A 19 -6.22 21.11 -7.43
CA ARG A 19 -6.22 21.11 -7.42
C ARG A 19 -6.78 20.08 -6.46
C ARG A 19 -6.79 20.08 -6.45
N LEU A 20 -6.08 19.85 -5.36
CA LEU A 20 -6.57 18.97 -4.30
C LEU A 20 -7.35 19.78 -3.29
N SER A 21 -8.33 19.14 -2.68
N SER A 21 -8.35 19.13 -2.70
CA SER A 21 -9.05 19.75 -1.57
CA SER A 21 -9.13 19.70 -1.62
C SER A 21 -9.21 18.73 -0.47
C SER A 21 -9.14 18.71 -0.45
N CYS A 22 -9.34 19.24 0.75
CA CYS A 22 -9.51 18.40 1.93
C CYS A 22 -10.62 19.04 2.75
N ALA A 23 -11.66 18.26 3.04
CA ALA A 23 -12.78 18.71 3.86
C ALA A 23 -12.58 18.17 5.27
N ALA A 24 -12.72 19.05 6.25
CA ALA A 24 -12.50 18.70 7.64
C ALA A 24 -13.77 18.88 8.46
N SER A 25 -13.90 18.06 9.50
CA SER A 25 -14.94 18.27 10.50
C SER A 25 -14.49 17.68 11.82
N GLY A 26 -15.19 18.08 12.87
CA GLY A 26 -14.97 17.49 14.17
C GLY A 26 -13.95 18.20 15.01
N PHE A 27 -13.47 19.35 14.57
CA PHE A 27 -12.54 20.14 15.36
C PHE A 27 -12.66 21.59 14.90
N THR A 28 -12.11 22.49 15.69
CA THR A 28 -12.15 23.91 15.37
C THR A 28 -11.03 24.18 14.37
N PHE A 29 -11.42 24.30 13.09
CA PHE A 29 -10.47 24.24 11.98
C PHE A 29 -9.41 25.34 12.07
N ASN A 30 -9.82 26.57 12.37
CA ASN A 30 -8.89 27.69 12.34
C ASN A 30 -7.93 27.71 13.50
N GLU A 31 -8.00 26.75 14.42
CA GLU A 31 -7.05 26.68 15.51
C GLU A 31 -5.84 25.83 15.18
N TYR A 32 -5.81 25.17 14.01
CA TYR A 32 -4.77 24.21 13.70
C TYR A 32 -4.09 24.52 12.37
N MET A 33 -2.78 24.38 12.37
CA MET A 33 -2.06 24.24 11.13
C MET A 33 -2.61 23.02 10.40
N MET A 34 -2.61 23.11 9.08
CA MET A 34 -2.99 21.98 8.23
C MET A 34 -1.85 21.71 7.25
N ASN A 35 -1.75 20.48 6.79
CA ASN A 35 -0.58 20.05 6.04
C ASN A 35 -0.97 19.12 4.91
N TRP A 36 -0.11 19.08 3.91
CA TRP A 36 -0.10 18.06 2.87
C TRP A 36 1.19 17.26 2.99
N VAL A 37 1.05 15.94 2.92
CA VAL A 37 2.14 14.98 3.00
C VAL A 37 1.93 14.00 1.86
N ARG A 38 3.01 13.56 1.22
CA ARG A 38 2.87 12.62 0.12
C ARG A 38 3.74 11.39 0.31
N GLN A 39 3.37 10.34 -0.40
CA GLN A 39 4.08 9.06 -0.33
C GLN A 39 4.24 8.53 -1.74
N PRO A 40 5.40 8.73 -2.35
CA PRO A 40 5.62 8.22 -3.69
C PRO A 40 5.57 6.71 -3.68
N PRO A 41 5.29 6.10 -4.83
CA PRO A 41 5.22 4.64 -4.91
C PRO A 41 6.47 3.98 -4.37
N GLY A 42 6.29 3.08 -3.41
CA GLY A 42 7.37 2.30 -2.85
C GLY A 42 8.30 3.07 -1.95
N LYS A 43 7.96 4.31 -1.58
CA LYS A 43 8.85 5.15 -0.81
C LYS A 43 8.17 5.54 0.51
N GLY A 44 8.91 6.27 1.30
CA GLY A 44 8.39 6.74 2.57
C GLY A 44 7.57 8.01 2.45
N LEU A 45 7.16 8.50 3.61
CA LEU A 45 6.44 9.76 3.72
C LEU A 45 7.36 10.95 3.50
N GLU A 46 6.81 11.99 2.89
CA GLU A 46 7.53 13.21 2.58
C GLU A 46 6.59 14.39 2.76
N TRP A 47 7.00 15.37 3.54
CA TRP A 47 6.18 16.56 3.74
C TRP A 47 6.17 17.42 2.47
N VAL A 48 5.01 17.99 2.17
CA VAL A 48 4.81 18.84 0.99
C VAL A 48 4.64 20.30 1.37
N SER A 49 3.69 20.59 2.25
CA SER A 49 3.37 21.98 2.53
C SER A 49 2.53 22.09 3.80
N SER A 50 2.62 23.25 4.45
CA SER A 50 1.85 23.53 5.66
C SER A 50 1.34 24.97 5.62
N ILE A 51 0.23 25.16 6.31
CA ILE A 51 -0.40 26.47 6.43
C ILE A 51 -0.98 26.62 7.83
N SER A 52 -0.61 27.71 8.52
CA SER A 52 -1.08 27.91 9.87
C SER A 52 -2.59 28.24 9.87
N GLY A 53 -3.15 28.29 11.07
CA GLY A 53 -4.60 28.31 11.24
C GLY A 53 -5.30 29.44 10.52
N THR A 54 -4.70 30.64 10.53
CA THR A 54 -5.29 31.77 9.81
C THR A 54 -4.41 32.23 8.66
N SER A 55 -3.61 31.32 8.13
CA SER A 55 -2.86 31.47 6.88
C SER A 55 -1.66 32.38 7.03
N THR A 56 -1.27 32.74 8.24
CA THR A 56 -0.16 33.66 8.44
C THR A 56 1.16 33.06 7.96
N TYR A 57 1.37 31.77 8.22
CA TYR A 57 2.64 31.08 7.92
C TYR A 57 2.37 29.98 6.93
N ILE A 58 3.01 30.06 5.78
CA ILE A 58 2.91 29.09 4.70
C ILE A 58 4.31 28.59 4.41
N ASN A 59 4.46 27.28 4.33
CA ASN A 59 5.76 26.67 4.09
C ASN A 59 5.62 25.59 3.02
N TYR A 60 6.68 25.42 2.23
CA TYR A 60 6.72 24.43 1.16
C TYR A 60 8.04 23.66 1.18
N ALA A 61 7.97 22.38 0.82
CA ALA A 61 9.18 21.64 0.50
C ALA A 61 9.87 22.28 -0.70
N ASP A 62 11.20 22.29 -0.69
CA ASP A 62 11.94 22.90 -1.78
C ASP A 62 11.53 22.33 -3.12
N SER A 63 11.24 21.03 -3.17
CA SER A 63 10.97 20.38 -4.44
C SER A 63 9.64 20.79 -5.06
N VAL A 64 8.78 21.49 -4.34
CA VAL A 64 7.51 21.96 -4.89
C VAL A 64 7.40 23.48 -4.89
N LYS A 65 8.36 24.19 -4.31
CA LYS A 65 8.24 25.62 -4.21
C LYS A 65 8.20 26.22 -5.60
N GLY A 66 7.32 27.20 -5.80
CA GLY A 66 7.14 27.83 -7.09
C GLY A 66 6.16 27.12 -8.00
N ARG A 67 5.76 25.89 -7.69
CA ARG A 67 4.83 25.12 -8.50
C ARG A 67 3.53 24.85 -7.78
N PHE A 68 3.58 24.66 -6.46
CA PHE A 68 2.40 24.34 -5.68
C PHE A 68 2.03 25.52 -4.78
N THR A 69 0.73 25.69 -4.55
CA THR A 69 0.22 26.76 -3.68
C THR A 69 -0.79 26.17 -2.73
N ILE A 70 -0.55 26.33 -1.44
CA ILE A 70 -1.47 25.87 -0.40
C ILE A 70 -2.34 27.05 0.01
N SER A 71 -3.59 26.75 0.37
CA SER A 71 -4.50 27.77 0.87
C SER A 71 -5.58 27.07 1.68
N ARG A 72 -6.36 27.85 2.41
CA ARG A 72 -7.45 27.30 3.21
C ARG A 72 -8.61 28.28 3.23
N ASP A 73 -9.81 27.75 3.37
CA ASP A 73 -11.01 28.56 3.50
C ASP A 73 -11.66 28.13 4.81
N ASN A 74 -11.41 28.88 5.87
CA ASN A 74 -11.83 28.44 7.20
C ASN A 74 -13.34 28.38 7.31
N ALA A 75 -14.05 29.28 6.64
CA ALA A 75 -15.51 29.25 6.68
C ALA A 75 -16.07 27.97 6.07
N LYS A 76 -15.35 27.36 5.13
CA LYS A 76 -15.77 26.12 4.50
C LYS A 76 -15.07 24.91 5.08
N ASN A 77 -14.28 25.07 6.13
CA ASN A 77 -13.56 23.96 6.74
C ASN A 77 -12.77 23.18 5.69
N SER A 78 -12.09 23.90 4.80
CA SER A 78 -11.44 23.28 3.66
C SER A 78 -10.00 23.74 3.50
N LEU A 79 -9.17 22.80 3.06
CA LEU A 79 -7.77 23.01 2.73
C LEU A 79 -7.59 22.68 1.25
N TYR A 80 -6.73 23.44 0.56
CA TYR A 80 -6.50 23.25 -0.86
C TYR A 80 -5.01 23.14 -1.17
N LEU A 81 -4.71 22.47 -2.29
CA LEU A 81 -3.38 22.47 -2.86
C LEU A 81 -3.49 22.61 -4.37
N GLN A 82 -3.07 23.74 -4.90
CA GLN A 82 -3.01 23.96 -6.34
C GLN A 82 -1.64 23.47 -6.80
N MET A 83 -1.64 22.54 -7.73
CA MET A 83 -0.40 21.90 -8.19
C MET A 83 -0.23 22.18 -9.68
N ASN A 84 0.77 22.98 -10.03
CA ASN A 84 1.05 23.32 -11.41
C ASN A 84 2.37 22.69 -11.85
N SER A 85 2.58 22.67 -13.16
CA SER A 85 3.85 22.20 -13.74
C SER A 85 4.24 20.84 -13.17
N LEU A 86 3.28 19.91 -13.17
CA LEU A 86 3.49 18.63 -12.55
C LEU A 86 4.50 17.79 -13.34
N ARG A 87 5.26 16.98 -12.62
CA ARG A 87 6.26 16.11 -13.19
CA ARG A 87 6.27 16.11 -13.18
C ARG A 87 5.95 14.67 -12.81
N SER A 88 6.48 13.73 -13.60
N SER A 88 6.48 13.71 -13.57
CA SER A 88 6.35 12.31 -13.30
CA SER A 88 6.25 12.31 -13.25
C SER A 88 6.61 12.01 -11.83
C SER A 88 6.60 11.99 -11.80
N ASP A 89 7.66 12.61 -11.28
CA ASP A 89 8.06 12.29 -9.90
C ASP A 89 7.23 13.01 -8.84
N ASP A 90 6.17 13.74 -9.20
CA ASP A 90 5.15 14.15 -8.25
C ASP A 90 4.09 13.05 -8.04
N THR A 91 4.20 11.93 -8.76
CA THR A 91 3.27 10.83 -8.58
C THR A 91 3.38 10.30 -7.16
N ALA A 92 2.25 10.24 -6.45
CA ALA A 92 2.27 9.81 -5.06
C ALA A 92 0.85 9.78 -4.53
N MET A 93 0.70 9.10 -3.40
N MET A 93 0.72 9.16 -3.36
CA MET A 93 -0.47 9.29 -2.58
CA MET A 93 -0.49 9.28 -2.56
C MET A 93 -0.31 10.59 -1.81
C MET A 93 -0.37 10.52 -1.69
N TYR A 94 -1.32 11.44 -1.85
CA TYR A 94 -1.32 12.71 -1.13
C TYR A 94 -2.31 12.64 0.01
N TYR A 95 -1.87 13.02 1.18
CA TYR A 95 -2.65 13.02 2.40
C TYR A 95 -2.76 14.44 2.91
N CYS A 96 -3.92 14.78 3.41
CA CYS A 96 -4.01 15.92 4.29
C CYS A 96 -3.86 15.46 5.73
N ALA A 97 -3.31 16.32 6.57
CA ALA A 97 -3.09 15.96 7.97
C ALA A 97 -3.24 17.20 8.81
N ARG A 98 -3.71 17.01 10.03
CA ARG A 98 -3.93 18.12 10.95
C ARG A 98 -2.72 18.34 11.85
N GLY A 99 -2.43 19.62 12.12
CA GLY A 99 -1.60 19.99 13.26
C GLY A 99 -0.15 19.62 13.06
N SER A 100 0.53 19.44 14.20
CA SER A 100 1.96 19.20 14.19
C SER A 100 2.35 17.83 14.71
N THR A 101 1.39 17.00 15.16
CA THR A 101 1.73 15.72 15.75
C THR A 101 1.56 14.52 14.82
N GLY A 102 0.85 14.67 13.72
CA GLY A 102 0.54 13.49 12.94
C GLY A 102 -0.59 12.64 13.48
N GLY A 103 -1.45 13.20 14.33
CA GLY A 103 -2.52 12.41 14.91
C GLY A 103 -3.67 12.11 13.96
N TYR A 104 -4.02 13.05 13.09
CA TYR A 104 -5.19 12.91 12.23
C TYR A 104 -4.79 13.10 10.77
N TRP A 105 -5.14 12.11 9.95
CA TRP A 105 -4.82 12.04 8.54
C TRP A 105 -6.09 11.76 7.75
N GLY A 106 -6.15 12.24 6.52
CA GLY A 106 -7.14 11.75 5.58
C GLY A 106 -6.81 10.36 5.10
N GLN A 107 -7.65 9.84 4.23
CA GLN A 107 -7.42 8.50 3.68
C GLN A 107 -6.45 8.50 2.52
N GLY A 108 -6.12 9.66 1.99
CA GLY A 108 -5.20 9.83 0.89
C GLY A 108 -5.91 9.75 -0.45
N THR A 109 -5.33 10.43 -1.43
CA THR A 109 -5.80 10.37 -2.80
C THR A 109 -4.59 10.28 -3.71
N LEU A 110 -4.69 9.44 -4.73
CA LEU A 110 -3.57 9.17 -5.61
C LEU A 110 -3.50 10.21 -6.74
N ILE A 111 -2.32 10.75 -6.93
CA ILE A 111 -2.03 11.59 -8.08
C ILE A 111 -1.04 10.82 -8.94
N THR A 112 -1.39 10.62 -10.20
CA THR A 112 -0.51 9.95 -11.15
C THR A 112 -0.20 10.94 -12.25
N VAL A 113 1.08 11.21 -12.46
CA VAL A 113 1.52 12.12 -13.52
C VAL A 113 2.18 11.25 -14.57
N SER A 114 1.53 11.11 -15.71
CA SER A 114 1.95 10.14 -16.71
C SER A 114 1.39 10.53 -18.05
N SER A 115 2.08 10.13 -19.11
N SER A 115 2.09 10.14 -19.12
CA SER A 115 1.58 10.29 -20.47
CA SER A 115 1.57 10.30 -20.46
C SER A 115 0.69 9.13 -20.91
C SER A 115 0.55 9.22 -20.83
N ALA A 116 0.50 8.11 -20.07
CA ALA A 116 -0.44 7.03 -20.37
C ALA A 116 -1.87 7.48 -20.07
N SER A 117 -2.82 6.85 -20.75
CA SER A 117 -4.23 7.22 -20.62
C SER A 117 -5.01 6.22 -19.77
N THR A 118 -6.14 6.70 -19.26
CA THR A 118 -7.03 5.86 -18.49
C THR A 118 -7.49 4.67 -19.32
N LYS A 119 -7.54 3.52 -18.68
CA LYS A 119 -8.03 2.29 -19.31
C LYS A 119 -8.63 1.41 -18.21
N GLY A 120 -9.85 0.95 -18.43
CA GLY A 120 -10.48 0.06 -17.48
C GLY A 120 -10.02 -1.38 -17.65
N PRO A 121 -10.10 -2.17 -16.58
CA PRO A 121 -9.61 -3.56 -16.66
C PRO A 121 -10.62 -4.50 -17.30
N SER A 122 -10.09 -5.65 -17.73
N SER A 122 -10.08 -5.62 -17.78
CA SER A 122 -10.91 -6.82 -18.04
CA SER A 122 -10.88 -6.81 -18.00
C SER A 122 -10.73 -7.82 -16.90
C SER A 122 -10.78 -7.65 -16.74
N VAL A 123 -11.84 -8.39 -16.44
CA VAL A 123 -11.89 -9.24 -15.26
C VAL A 123 -12.15 -10.66 -15.72
N PHE A 124 -11.28 -11.57 -15.34
CA PHE A 124 -11.38 -12.96 -15.74
C PHE A 124 -11.39 -13.86 -14.51
N PRO A 125 -12.11 -14.97 -14.55
CA PRO A 125 -12.13 -15.89 -13.42
C PRO A 125 -10.86 -16.73 -13.32
N LEU A 126 -10.48 -17.01 -12.07
CA LEU A 126 -9.46 -18.01 -11.74
C LEU A 126 -10.26 -19.15 -11.12
N ALA A 127 -10.58 -20.14 -11.90
CA ALA A 127 -11.60 -21.09 -11.51
C ALA A 127 -11.02 -22.17 -10.62
N PRO A 128 -11.75 -22.58 -9.58
CA PRO A 128 -11.22 -23.61 -8.68
C PRO A 128 -11.20 -24.95 -9.39
N SER A 129 -10.15 -25.71 -9.09
CA SER A 129 -9.95 -27.04 -9.67
C SER A 129 -10.88 -28.06 -9.04
N GLY A 136 -10.70 -30.94 1.39
CA GLY A 136 -9.66 -30.01 1.78
C GLY A 136 -9.96 -28.55 1.47
N THR A 137 -8.94 -27.82 1.07
CA THR A 137 -9.03 -26.39 0.78
C THR A 137 -8.86 -26.17 -0.71
N ALA A 138 -9.77 -25.42 -1.30
CA ALA A 138 -9.67 -25.01 -2.69
C ALA A 138 -9.31 -23.53 -2.74
N ALA A 139 -8.86 -23.10 -3.91
CA ALA A 139 -8.58 -21.69 -4.14
C ALA A 139 -9.26 -21.25 -5.43
N LEU A 140 -9.75 -20.02 -5.43
CA LEU A 140 -10.33 -19.40 -6.61
C LEU A 140 -9.99 -17.92 -6.59
N GLY A 141 -10.28 -17.22 -7.68
CA GLY A 141 -9.96 -15.82 -7.70
C GLY A 141 -10.44 -15.14 -8.96
N CYS A 142 -9.99 -13.90 -9.10
CA CYS A 142 -10.25 -13.12 -10.30
CA CYS A 142 -10.24 -13.14 -10.32
C CYS A 142 -8.98 -12.40 -10.70
N LEU A 143 -8.73 -12.38 -11.98
CA LEU A 143 -7.61 -11.68 -12.60
C LEU A 143 -8.15 -10.37 -13.16
N VAL A 144 -7.57 -9.26 -12.71
CA VAL A 144 -8.00 -7.92 -13.07
C VAL A 144 -6.89 -7.34 -13.92
N LYS A 145 -7.06 -7.37 -15.23
CA LYS A 145 -5.95 -7.22 -16.15
C LYS A 145 -6.07 -5.96 -17.00
N ASP A 146 -4.93 -5.28 -17.15
CA ASP A 146 -4.75 -4.23 -18.15
C ASP A 146 -5.51 -2.96 -17.83
N TYR A 147 -5.14 -2.29 -16.75
CA TYR A 147 -5.81 -1.06 -16.37
C TYR A 147 -4.80 0.02 -16.04
N PHE A 148 -5.28 1.26 -16.07
CA PHE A 148 -4.45 2.41 -15.74
C PHE A 148 -5.36 3.58 -15.44
N PRO A 149 -5.01 4.45 -14.49
CA PRO A 149 -3.98 4.34 -13.48
C PRO A 149 -4.46 3.43 -12.34
N GLU A 150 -3.66 3.30 -11.31
CA GLU A 150 -4.15 2.76 -10.06
C GLU A 150 -5.17 3.74 -9.47
N PRO A 151 -6.04 3.29 -8.56
CA PRO A 151 -6.16 1.97 -7.99
C PRO A 151 -7.39 1.23 -8.47
N VAL A 152 -7.41 -0.07 -8.19
CA VAL A 152 -8.62 -0.87 -8.28
C VAL A 152 -8.93 -1.40 -6.89
N THR A 153 -10.21 -1.56 -6.61
CA THR A 153 -10.60 -2.27 -5.40
C THR A 153 -11.30 -3.56 -5.77
N VAL A 154 -11.13 -4.55 -4.92
CA VAL A 154 -11.77 -5.86 -5.07
C VAL A 154 -12.36 -6.26 -3.74
N SER A 155 -13.61 -6.69 -3.77
CA SER A 155 -14.24 -7.36 -2.66
C SER A 155 -14.81 -8.67 -3.19
N TRP A 156 -15.25 -9.51 -2.27
CA TRP A 156 -15.86 -10.80 -2.60
C TRP A 156 -17.24 -10.89 -1.97
N ASN A 157 -18.21 -11.34 -2.76
CA ASN A 157 -19.58 -11.53 -2.29
C ASN A 157 -20.11 -10.27 -1.61
N SER A 158 -19.81 -9.12 -2.23
CA SER A 158 -20.27 -7.80 -1.78
C SER A 158 -19.87 -7.53 -0.33
N GLY A 159 -18.70 -8.02 0.05
CA GLY A 159 -18.15 -7.80 1.36
C GLY A 159 -18.46 -8.90 2.35
N ALA A 160 -19.30 -9.87 1.98
CA ALA A 160 -19.63 -10.94 2.92
C ALA A 160 -18.49 -11.92 3.08
N LEU A 161 -17.58 -11.99 2.14
CA LEU A 161 -16.48 -12.96 2.20
C LEU A 161 -15.19 -12.18 2.37
N THR A 162 -14.56 -12.33 3.52
CA THR A 162 -13.31 -11.63 3.82
C THR A 162 -12.24 -12.60 4.31
N SER A 163 -12.64 -13.66 4.98
CA SER A 163 -11.69 -14.64 5.48
C SER A 163 -11.01 -15.35 4.31
N GLY A 164 -9.68 -15.46 4.37
CA GLY A 164 -8.92 -16.16 3.35
C GLY A 164 -8.69 -15.40 2.07
N VAL A 165 -9.09 -14.13 1.99
CA VAL A 165 -8.90 -13.32 0.78
C VAL A 165 -7.49 -12.74 0.78
N HIS A 166 -6.83 -12.80 -0.38
CA HIS A 166 -5.59 -12.06 -0.63
C HIS A 166 -5.73 -11.33 -1.94
N THR A 167 -5.70 -10.00 -1.88
CA THR A 167 -5.66 -9.19 -3.09
C THR A 167 -4.23 -8.72 -3.26
N PHE A 168 -3.61 -9.16 -4.32
CA PHE A 168 -2.18 -8.90 -4.47
C PHE A 168 -1.91 -7.45 -4.89
N PRO A 169 -0.75 -6.91 -4.50
CA PRO A 169 -0.32 -5.64 -5.06
C PRO A 169 -0.28 -5.71 -6.58
N ALA A 170 -0.67 -4.63 -7.23
CA ALA A 170 -0.65 -4.58 -8.67
C ALA A 170 0.79 -4.62 -9.19
N VAL A 171 0.96 -5.19 -10.37
CA VAL A 171 2.23 -5.20 -11.07
C VAL A 171 2.07 -4.39 -12.34
N LEU A 172 3.06 -3.58 -12.63
CA LEU A 172 3.11 -2.86 -13.88
C LEU A 172 3.67 -3.78 -14.95
N GLN A 173 2.85 -4.08 -15.96
CA GLN A 173 3.30 -4.94 -17.05
C GLN A 173 4.21 -4.15 -17.97
N SER A 174 4.96 -4.87 -18.81
CA SER A 174 5.84 -4.20 -19.74
C SER A 174 5.08 -3.30 -20.70
N SER A 175 3.78 -3.54 -20.86
CA SER A 175 2.93 -2.70 -21.69
C SER A 175 2.65 -1.34 -21.06
N GLY A 176 2.96 -1.15 -19.78
CA GLY A 176 2.62 0.08 -19.11
C GLY A 176 1.24 0.06 -18.46
N LEU A 177 0.53 -1.05 -18.52
CA LEU A 177 -0.74 -1.22 -17.83
C LEU A 177 -0.55 -2.11 -16.61
N TYR A 178 -1.38 -1.89 -15.61
CA TYR A 178 -1.35 -2.69 -14.39
C TYR A 178 -2.19 -3.96 -14.54
N SER A 179 -1.82 -4.96 -13.76
N SER A 179 -1.86 -4.94 -13.71
CA SER A 179 -2.68 -6.11 -13.53
CA SER A 179 -2.66 -6.15 -13.56
C SER A 179 -2.54 -6.53 -12.08
C SER A 179 -2.50 -6.65 -12.13
N LEU A 180 -3.58 -7.18 -11.57
CA LEU A 180 -3.49 -7.84 -10.28
C LEU A 180 -4.46 -8.99 -10.25
N SER A 181 -4.29 -9.84 -9.24
N SER A 181 -4.26 -9.89 -9.28
CA SER A 181 -5.24 -10.90 -8.97
CA SER A 181 -5.22 -10.92 -8.97
C SER A 181 -5.67 -10.80 -7.52
C SER A 181 -5.68 -10.78 -7.53
N SER A 182 -6.90 -11.24 -7.29
CA SER A 182 -7.44 -11.41 -5.94
C SER A 182 -7.86 -12.85 -5.84
N VAL A 183 -7.44 -13.52 -4.77
CA VAL A 183 -7.73 -14.94 -4.55
C VAL A 183 -8.36 -15.13 -3.20
N VAL A 184 -9.02 -16.26 -3.04
CA VAL A 184 -9.59 -16.66 -1.77
C VAL A 184 -9.48 -18.17 -1.66
N THR A 185 -9.16 -18.65 -0.47
CA THR A 185 -9.23 -20.07 -0.18
C THR A 185 -10.54 -20.37 0.51
N VAL A 186 -11.17 -21.46 0.11
CA VAL A 186 -12.52 -21.80 0.57
C VAL A 186 -12.59 -23.31 0.76
N PRO A 187 -13.59 -23.79 1.49
CA PRO A 187 -13.73 -25.25 1.66
C PRO A 187 -14.06 -25.92 0.33
N SER A 188 -13.36 -27.01 0.03
CA SER A 188 -13.65 -27.73 -1.20
C SER A 188 -15.09 -28.19 -1.25
N SER A 189 -15.67 -28.52 -0.09
CA SER A 189 -17.04 -29.00 -0.05
C SER A 189 -18.05 -27.93 -0.45
N SER A 190 -17.64 -26.66 -0.47
CA SER A 190 -18.53 -25.57 -0.84
C SER A 190 -18.59 -25.31 -2.33
N LEU A 191 -17.70 -25.91 -3.12
CA LEU A 191 -17.62 -25.59 -4.54
C LEU A 191 -18.85 -26.12 -5.26
N GLY A 192 -19.44 -25.28 -6.10
CA GLY A 192 -20.67 -25.64 -6.77
C GLY A 192 -21.92 -25.52 -5.92
N THR A 193 -21.77 -25.09 -4.68
CA THR A 193 -22.91 -24.83 -3.80
C THR A 193 -22.93 -23.37 -3.38
N GLN A 194 -21.88 -22.88 -2.74
CA GLN A 194 -21.76 -21.46 -2.41
C GLN A 194 -21.30 -20.70 -3.66
N THR A 195 -21.99 -19.63 -4.00
CA THR A 195 -21.54 -18.81 -5.11
C THR A 195 -20.45 -17.86 -4.66
N TYR A 196 -19.52 -17.60 -5.57
CA TYR A 196 -18.39 -16.73 -5.33
C TYR A 196 -18.36 -15.69 -6.45
N ILE A 197 -18.39 -14.43 -6.06
CA ILE A 197 -18.43 -13.31 -7.01
C ILE A 197 -17.40 -12.28 -6.58
N CYS A 198 -16.52 -11.89 -7.48
CA CYS A 198 -15.59 -10.82 -7.19
CA CYS A 198 -15.57 -10.83 -7.20
C CYS A 198 -16.12 -9.50 -7.71
N ASN A 199 -16.09 -8.49 -6.86
CA ASN A 199 -16.61 -7.16 -7.14
C ASN A 199 -15.42 -6.25 -7.36
N VAL A 200 -15.25 -5.83 -8.60
CA VAL A 200 -14.11 -5.02 -9.01
C VAL A 200 -14.60 -3.61 -9.30
N ASN A 201 -13.87 -2.61 -8.80
CA ASN A 201 -14.18 -1.22 -9.08
C ASN A 201 -12.89 -0.51 -9.46
N HIS A 202 -12.86 0.01 -10.69
CA HIS A 202 -11.79 0.88 -11.16
C HIS A 202 -12.42 2.25 -11.35
N LYS A 203 -12.42 3.05 -10.30
CA LYS A 203 -13.09 4.35 -10.37
C LYS A 203 -12.50 5.27 -11.43
N PRO A 204 -11.18 5.27 -11.70
CA PRO A 204 -10.67 6.20 -12.71
C PRO A 204 -11.30 6.07 -14.07
N SER A 205 -11.78 4.88 -14.45
CA SER A 205 -12.42 4.65 -15.73
C SER A 205 -13.91 4.42 -15.57
N ASN A 206 -14.45 4.56 -14.37
CA ASN A 206 -15.86 4.26 -14.11
C ASN A 206 -16.22 2.85 -14.55
N THR A 207 -15.34 1.89 -14.26
CA THR A 207 -15.56 0.49 -14.63
C THR A 207 -15.81 -0.29 -13.36
N LYS A 208 -17.00 -0.86 -13.23
CA LYS A 208 -17.33 -1.74 -12.13
C LYS A 208 -17.85 -3.03 -12.74
N VAL A 209 -17.37 -4.16 -12.22
CA VAL A 209 -17.74 -5.48 -12.71
C VAL A 209 -17.94 -6.41 -11.51
N ASP A 210 -19.00 -7.22 -11.55
CA ASP A 210 -19.19 -8.34 -10.62
C ASP A 210 -19.08 -9.61 -11.44
N LYS A 211 -18.04 -10.40 -11.19
CA LYS A 211 -17.73 -11.60 -11.96
C LYS A 211 -17.94 -12.85 -11.11
N LYS A 212 -18.84 -13.72 -11.55
CA LYS A 212 -19.02 -15.00 -10.89
C LYS A 212 -17.88 -15.93 -11.26
N VAL A 213 -17.36 -16.62 -10.26
CA VAL A 213 -16.25 -17.56 -10.45
C VAL A 213 -16.81 -18.95 -10.15
N GLU A 214 -16.94 -19.75 -11.19
CA GLU A 214 -17.54 -21.07 -11.09
C GLU A 214 -16.46 -22.13 -11.23
N PRO A 215 -16.67 -23.32 -10.66
CA PRO A 215 -15.69 -24.39 -10.83
C PRO A 215 -15.52 -24.75 -12.30
N LYS A 216 -14.32 -25.21 -12.64
CA LYS A 216 -14.02 -25.66 -13.99
C LYS A 216 -15.07 -26.66 -14.46
N ASP B 1 18.20 22.20 7.19
CA ASP B 1 17.15 21.13 7.29
C ASP B 1 17.63 20.02 8.20
N ILE B 2 16.69 19.46 8.97
CA ILE B 2 17.02 18.41 9.92
C ILE B 2 16.79 17.07 9.23
N VAL B 3 17.86 16.31 9.07
CA VAL B 3 17.76 14.97 8.50
C VAL B 3 17.55 14.00 9.64
N MET B 4 16.55 13.15 9.52
CA MET B 4 16.26 12.08 10.47
C MET B 4 16.77 10.77 9.89
N THR B 5 17.75 10.18 10.54
CA THR B 5 18.35 8.92 10.10
C THR B 5 17.76 7.81 10.95
N GLN B 6 16.95 6.96 10.35
CA GLN B 6 16.19 5.94 11.04
C GLN B 6 16.79 4.58 10.76
N THR B 7 17.05 3.82 11.83
CA THR B 7 17.61 2.49 11.74
C THR B 7 16.87 1.58 12.72
N PRO B 8 16.82 0.28 12.43
CA PRO B 8 17.28 -0.39 11.21
C PRO B 8 16.26 -0.21 10.09
N LEU B 9 16.64 -0.60 8.87
CA LEU B 9 15.67 -0.58 7.78
C LEU B 9 14.62 -1.65 7.95
N SER B 10 14.98 -2.78 8.54
N SER B 10 14.99 -2.79 8.54
CA SER B 10 14.00 -3.82 8.80
CA SER B 10 14.06 -3.88 8.76
C SER B 10 14.45 -4.57 10.04
C SER B 10 14.46 -4.57 10.05
N SER B 11 13.48 -5.15 10.73
CA SER B 11 13.74 -5.87 11.96
C SER B 11 12.78 -7.05 12.03
N ALA B 12 13.31 -8.22 12.31
CA ALA B 12 12.52 -9.43 12.45
C ALA B 12 12.54 -9.86 13.91
N VAL B 13 11.37 -10.03 14.47
CA VAL B 13 11.20 -10.16 15.91
C VAL B 13 10.33 -11.39 16.15
N THR B 14 10.70 -12.17 17.14
CA THR B 14 9.91 -13.29 17.61
C THR B 14 8.65 -12.78 18.32
N LEU B 15 7.52 -13.47 18.17
CA LEU B 15 6.28 -13.07 18.84
C LEU B 15 6.51 -12.86 20.32
N GLY B 16 5.98 -11.75 20.84
CA GLY B 16 6.06 -11.47 22.25
C GLY B 16 7.37 -10.88 22.72
N GLN B 17 8.34 -10.76 21.84
CA GLN B 17 9.63 -10.25 22.22
C GLN B 17 9.75 -8.77 21.88
N PRO B 18 10.71 -8.06 22.50
CA PRO B 18 10.82 -6.60 22.32
C PRO B 18 11.44 -6.20 20.99
N ALA B 19 11.07 -5.01 20.54
CA ALA B 19 11.63 -4.40 19.36
C ALA B 19 12.01 -2.96 19.66
N SER B 20 13.00 -2.43 18.96
CA SER B 20 13.49 -1.08 19.18
C SER B 20 13.80 -0.46 17.83
N ILE B 21 13.43 0.81 17.63
CA ILE B 21 13.72 1.55 16.40
C ILE B 21 14.38 2.86 16.81
N SER B 22 15.45 3.25 16.13
CA SER B 22 16.22 4.43 16.44
C SER B 22 16.04 5.46 15.32
N CYS B 23 16.02 6.72 15.68
CA CYS B 23 16.05 7.81 14.74
C CYS B 23 17.05 8.86 15.34
N ARG B 24 18.02 9.25 14.55
CA ARG B 24 18.99 10.27 14.98
C ARG B 24 18.79 11.51 14.15
N SER B 25 18.69 12.66 14.79
CA SER B 25 18.55 13.93 14.10
C SER B 25 19.93 14.52 13.78
N SER B 26 20.05 15.22 12.67
CA SER B 26 21.31 15.81 12.22
C SER B 26 21.75 16.97 13.11
N GLN B 27 20.82 17.55 13.89
CA GLN B 27 21.15 18.59 14.84
C GLN B 27 20.22 18.45 16.04
N ARG B 28 20.59 19.07 17.15
CA ARG B 28 19.78 19.00 18.36
C ARG B 28 18.37 19.43 18.04
N LEU B 29 17.42 18.62 18.47
CA LEU B 29 16.03 18.82 18.13
C LEU B 29 15.37 19.48 19.33
N VAL B 30 15.28 20.81 19.29
CA VAL B 30 14.70 21.58 20.40
C VAL B 30 13.95 22.76 19.80
N HIS B 31 12.71 22.94 20.24
CA HIS B 31 11.84 24.01 19.77
C HIS B 31 12.11 25.28 20.56
N SER B 32 11.74 26.41 19.98
CA SER B 32 11.87 27.69 20.68
C SER B 32 11.15 27.67 22.03
N ASP B 33 10.11 26.85 22.18
CA ASP B 33 9.39 26.77 23.46
C ASP B 33 10.06 25.83 24.46
N GLY B 34 11.19 25.23 24.10
CA GLY B 34 11.96 24.40 24.99
C GLY B 34 11.67 22.91 24.84
N ASN B 35 10.56 22.56 24.21
CA ASN B 35 10.18 21.17 24.06
C ASN B 35 10.76 20.60 22.77
N THR B 36 10.57 19.30 22.60
CA THR B 36 10.96 18.60 21.39
C THR B 36 9.74 17.95 20.78
N TYR B 37 9.49 18.22 19.50
CA TYR B 37 8.30 17.71 18.82
C TYR B 37 8.75 16.67 17.80
N LEU B 38 8.55 15.41 18.16
CA LEU B 38 8.87 14.26 17.34
C LEU B 38 7.81 13.22 17.60
N SER B 39 7.32 12.63 16.53
CA SER B 39 6.29 11.61 16.59
C SER B 39 6.80 10.31 15.97
N TRP B 40 6.13 9.23 16.37
CA TRP B 40 6.31 7.92 15.79
C TRP B 40 4.98 7.46 15.24
N LEU B 41 5.00 6.97 13.99
CA LEU B 41 3.83 6.56 13.25
C LEU B 41 3.99 5.10 12.79
N HIS B 42 2.88 4.42 12.62
CA HIS B 42 2.83 3.07 12.08
C HIS B 42 1.90 3.07 10.88
N GLN B 43 2.33 2.48 9.77
CA GLN B 43 1.51 2.45 8.57
C GLN B 43 1.39 1.03 8.06
N ARG B 44 0.17 0.62 7.80
CA ARG B 44 -0.16 -0.65 7.20
C ARG B 44 -0.42 -0.43 5.71
N PRO B 45 -0.25 -1.48 4.91
CA PRO B 45 -0.42 -1.30 3.46
C PRO B 45 -1.83 -0.85 3.11
N GLY B 46 -1.90 0.15 2.23
CA GLY B 46 -3.16 0.70 1.79
C GLY B 46 -3.89 1.56 2.80
N GLN B 47 -3.20 2.02 3.82
CA GLN B 47 -3.82 2.79 4.88
C GLN B 47 -3.00 4.04 5.18
N PRO B 48 -3.62 5.06 5.74
CA PRO B 48 -2.87 6.19 6.21
C PRO B 48 -2.02 5.84 7.41
N PRO B 49 -0.98 6.61 7.68
CA PRO B 49 -0.23 6.43 8.92
C PRO B 49 -1.11 6.64 10.14
N ARG B 50 -0.75 5.94 11.21
CA ARG B 50 -1.41 6.03 12.50
C ARG B 50 -0.41 6.51 13.55
N LEU B 51 -0.80 7.51 14.32
CA LEU B 51 0.08 8.04 15.35
C LEU B 51 0.17 7.10 16.56
N LEU B 52 1.39 6.83 17.00
CA LEU B 52 1.63 6.09 18.23
C LEU B 52 2.06 7.00 19.36
N ILE B 53 3.11 7.78 19.13
CA ILE B 53 3.77 8.59 20.14
C ILE B 53 3.97 9.98 19.57
N TYR B 54 3.74 11.02 20.38
CA TYR B 54 4.00 12.39 19.98
C TYR B 54 4.74 13.11 21.10
N LYS B 55 5.32 14.25 20.77
CA LYS B 55 6.12 14.99 21.73
C LYS B 55 7.10 14.07 22.44
N VAL B 56 7.78 13.24 21.63
CA VAL B 56 8.85 12.31 22.04
C VAL B 56 8.33 11.08 22.76
N SER B 57 7.46 11.28 23.78
CA SER B 57 7.10 10.21 24.70
C SER B 57 5.63 10.13 25.06
N LEU B 58 4.77 10.97 24.53
CA LEU B 58 3.36 10.93 24.92
C LEU B 58 2.61 9.95 24.01
N ARG B 59 1.80 9.09 24.61
CA ARG B 59 1.02 8.13 23.85
C ARG B 59 -0.30 8.73 23.36
N PHE B 60 -0.59 8.54 22.08
CA PHE B 60 -1.86 8.98 21.52
C PHE B 60 -2.98 8.09 22.02
N SER B 61 -4.18 8.67 22.12
CA SER B 61 -5.31 7.92 22.64
C SER B 61 -5.51 6.62 21.87
N GLY B 62 -5.76 5.53 22.59
CA GLY B 62 -5.97 4.23 22.00
C GLY B 62 -4.72 3.41 21.78
N VAL B 63 -3.54 4.00 21.94
CA VAL B 63 -2.30 3.26 21.69
C VAL B 63 -1.96 2.44 22.93
N PRO B 64 -1.71 1.14 22.81
CA PRO B 64 -1.40 0.34 23.99
C PRO B 64 -0.05 0.69 24.58
N ASP B 65 0.08 0.46 25.89
CA ASP B 65 1.25 0.90 26.60
C ASP B 65 2.48 0.03 26.33
N ARG B 66 2.36 -1.04 25.54
CA ARG B 66 3.56 -1.72 25.08
C ARG B 66 4.40 -0.84 24.14
N PHE B 67 3.82 0.22 23.57
CA PHE B 67 4.58 1.20 22.81
C PHE B 67 5.06 2.33 23.71
N SER B 68 6.32 2.72 23.56
CA SER B 68 6.83 3.89 24.27
C SER B 68 7.89 4.58 23.45
N GLY B 69 8.04 5.87 23.69
CA GLY B 69 9.07 6.66 23.04
C GLY B 69 9.90 7.39 24.06
N SER B 70 11.16 7.62 23.69
CA SER B 70 12.07 8.35 24.54
C SER B 70 13.11 9.03 23.68
N GLY B 71 13.92 9.85 24.33
CA GLY B 71 15.06 10.41 23.65
C GLY B 71 15.30 11.84 24.04
N ALA B 72 16.46 12.33 23.65
CA ALA B 72 16.77 13.74 23.86
C ALA B 72 17.96 14.08 22.98
N GLY B 73 18.14 15.38 22.76
CA GLY B 73 19.28 15.84 22.01
C GLY B 73 19.13 15.42 20.56
N THR B 74 19.89 14.39 20.15
CA THR B 74 19.80 13.90 18.78
C THR B 74 19.34 12.45 18.65
N ASP B 75 19.15 11.71 19.75
CA ASP B 75 18.89 10.28 19.70
C ASP B 75 17.51 9.99 20.26
N PHE B 76 16.66 9.38 19.44
CA PHE B 76 15.29 9.09 19.82
C PHE B 76 14.98 7.62 19.52
N THR B 77 14.13 7.03 20.34
CA THR B 77 13.87 5.60 20.22
C THR B 77 12.40 5.31 20.45
N LEU B 78 11.84 4.47 19.58
CA LEU B 78 10.55 3.83 19.79
C LEU B 78 10.79 2.41 20.27
N LYS B 79 10.14 2.03 21.36
CA LYS B 79 10.25 0.68 21.89
C LYS B 79 8.88 0.02 21.87
N ILE B 80 8.87 -1.25 21.50
CA ILE B 80 7.71 -2.12 21.63
C ILE B 80 8.13 -3.18 22.63
N SER B 81 7.49 -3.20 23.80
CA SER B 81 7.94 -4.08 24.87
C SER B 81 7.65 -5.54 24.56
N ARG B 82 6.62 -5.81 23.79
CA ARG B 82 6.31 -7.17 23.36
C ARG B 82 5.56 -7.04 22.06
N VAL B 83 6.11 -7.59 21.00
CA VAL B 83 5.46 -7.46 19.70
C VAL B 83 4.30 -8.44 19.62
N GLU B 84 3.28 -7.99 18.90
CA GLU B 84 2.12 -8.79 18.56
C GLU B 84 2.06 -8.95 17.04
N ALA B 85 1.29 -9.94 16.60
CA ALA B 85 1.22 -10.21 15.16
C ALA B 85 0.79 -8.97 14.37
N GLU B 86 -0.09 -8.15 14.94
CA GLU B 86 -0.60 -6.99 14.21
C GLU B 86 0.43 -5.85 14.14
N ASP B 87 1.57 -5.98 14.79
CA ASP B 87 2.55 -4.91 14.76
C ASP B 87 3.38 -4.91 13.48
N VAL B 88 3.16 -5.86 12.57
CA VAL B 88 3.85 -5.82 11.30
C VAL B 88 3.50 -4.53 10.57
N GLY B 89 4.40 -4.09 9.71
CA GLY B 89 4.21 -2.91 8.88
C GLY B 89 5.41 -2.01 9.00
N ILE B 90 5.25 -0.75 8.62
CA ILE B 90 6.35 0.20 8.55
C ILE B 90 6.14 1.30 9.58
N TYR B 91 7.19 1.60 10.32
CA TYR B 91 7.19 2.64 11.33
C TYR B 91 8.05 3.80 10.86
N TYR B 92 7.60 5.02 11.13
CA TYR B 92 8.32 6.23 10.75
C TYR B 92 8.45 7.15 11.95
N CYS B 93 9.60 7.78 12.09
CA CYS B 93 9.68 8.97 12.92
C CYS B 93 9.41 10.21 12.07
N MET B 94 8.89 11.24 12.72
CA MET B 94 8.57 12.52 12.08
C MET B 94 8.96 13.61 13.04
N GLN B 95 9.75 14.57 12.58
CA GLN B 95 10.00 15.74 13.42
C GLN B 95 9.17 16.91 12.91
N ALA B 96 8.50 17.58 13.83
CA ALA B 96 7.75 18.79 13.56
C ALA B 96 8.22 19.89 14.50
N THR B 97 9.51 19.87 14.81
CA THR B 97 10.12 20.93 15.60
C THR B 97 10.42 22.15 14.74
N GLN B 98 10.89 21.94 13.52
CA GLN B 98 11.28 23.05 12.66
C GLN B 98 11.07 22.70 11.20
N PHE B 99 10.60 23.67 10.43
CA PHE B 99 10.48 23.48 8.99
C PHE B 99 11.86 23.44 8.34
N PRO B 100 12.01 22.65 7.27
CA PRO B 100 11.00 21.76 6.70
C PRO B 100 10.72 20.55 7.58
N LEU B 101 9.48 20.11 7.61
CA LEU B 101 9.16 18.94 8.39
C LEU B 101 9.75 17.73 7.70
N THR B 102 10.32 16.81 8.49
CA THR B 102 11.05 15.69 7.91
C THR B 102 10.70 14.38 8.60
N PHE B 103 10.88 13.30 7.85
CA PHE B 103 10.56 11.95 8.29
C PHE B 103 11.81 11.08 8.20
N GLY B 104 11.91 10.10 9.11
CA GLY B 104 12.83 9.02 8.90
C GLY B 104 12.42 8.18 7.71
N GLY B 105 13.36 7.37 7.21
CA GLY B 105 13.10 6.57 6.02
C GLY B 105 12.23 5.36 6.25
N GLY B 106 11.90 5.03 7.49
CA GLY B 106 11.04 3.91 7.76
C GLY B 106 11.79 2.68 8.23
N THR B 107 11.10 1.86 9.01
CA THR B 107 11.58 0.55 9.46
C THR B 107 10.44 -0.43 9.26
N LYS B 108 10.71 -1.54 8.58
CA LYS B 108 9.71 -2.59 8.42
C LYS B 108 9.90 -3.64 9.51
N VAL B 109 8.86 -3.88 10.28
CA VAL B 109 8.85 -4.93 11.30
C VAL B 109 8.23 -6.18 10.72
N GLU B 110 8.93 -7.30 10.87
CA GLU B 110 8.49 -8.62 10.50
C GLU B 110 8.38 -9.48 11.74
N ILE B 111 7.34 -10.30 11.81
CA ILE B 111 7.20 -11.31 12.85
C ILE B 111 7.78 -12.62 12.37
N LYS B 112 8.67 -13.20 13.17
CA LYS B 112 9.24 -14.50 12.86
C LYS B 112 8.40 -15.60 13.48
N ARG B 113 7.84 -16.45 12.65
CA ARG B 113 6.99 -17.54 13.06
C ARG B 113 7.61 -18.84 12.58
N THR B 114 6.94 -19.95 12.88
CA THR B 114 7.43 -21.24 12.42
C THR B 114 7.31 -21.34 10.90
N VAL B 115 8.21 -22.12 10.31
CA VAL B 115 8.15 -22.36 8.88
C VAL B 115 6.81 -22.95 8.50
N ALA B 116 6.25 -22.47 7.39
CA ALA B 116 5.00 -22.96 6.84
C ALA B 116 5.18 -23.10 5.34
N ALA B 117 4.95 -24.30 4.83
CA ALA B 117 5.06 -24.51 3.41
C ALA B 117 3.87 -23.89 2.69
N PRO B 118 4.06 -23.40 1.48
CA PRO B 118 2.93 -22.88 0.71
C PRO B 118 2.01 -24.01 0.26
N SER B 119 0.73 -23.69 0.19
CA SER B 119 -0.20 -24.45 -0.61
C SER B 119 -0.17 -23.86 -2.02
N VAL B 120 -0.09 -24.72 -3.03
CA VAL B 120 0.17 -24.31 -4.40
C VAL B 120 -1.04 -24.65 -5.27
N PHE B 121 -1.45 -23.70 -6.10
CA PHE B 121 -2.58 -23.85 -7.00
C PHE B 121 -2.20 -23.28 -8.36
N ILE B 122 -2.63 -23.93 -9.43
CA ILE B 122 -2.44 -23.41 -10.77
C ILE B 122 -3.80 -23.16 -11.40
N PHE B 123 -3.90 -22.08 -12.16
CA PHE B 123 -5.14 -21.68 -12.82
C PHE B 123 -4.92 -21.54 -14.32
N PRO B 124 -5.60 -22.31 -15.15
CA PRO B 124 -5.54 -22.10 -16.59
C PRO B 124 -6.21 -20.81 -16.98
N PRO B 125 -5.96 -20.32 -18.20
CA PRO B 125 -6.70 -19.16 -18.70
C PRO B 125 -8.18 -19.47 -18.86
N SER B 126 -8.99 -18.45 -18.70
CA SER B 126 -10.42 -18.57 -18.91
C SER B 126 -10.74 -18.59 -20.40
N ASP B 127 -11.86 -19.24 -20.73
CA ASP B 127 -12.34 -19.24 -22.10
C ASP B 127 -12.56 -17.82 -22.60
N GLU B 128 -13.06 -16.93 -21.74
CA GLU B 128 -13.31 -15.54 -22.14
C GLU B 128 -12.01 -14.85 -22.55
N GLN B 129 -10.97 -15.01 -21.75
CA GLN B 129 -9.71 -14.37 -22.13
C GLN B 129 -9.18 -14.98 -23.42
N LEU B 130 -9.24 -16.31 -23.54
CA LEU B 130 -8.69 -16.94 -24.73
C LEU B 130 -9.39 -16.44 -25.99
N LYS B 131 -10.71 -16.30 -25.94
CA LYS B 131 -11.47 -15.83 -27.10
C LYS B 131 -10.96 -14.49 -27.58
N SER B 132 -10.49 -13.63 -26.67
CA SER B 132 -9.96 -12.31 -27.02
C SER B 132 -8.52 -12.36 -27.50
N GLY B 133 -7.87 -13.50 -27.43
CA GLY B 133 -6.56 -13.68 -28.02
C GLY B 133 -5.40 -13.78 -27.08
N THR B 134 -5.62 -13.88 -25.77
CA THR B 134 -4.54 -13.91 -24.80
C THR B 134 -4.78 -15.02 -23.79
N ALA B 135 -3.69 -15.52 -23.22
CA ALA B 135 -3.73 -16.55 -22.19
C ALA B 135 -2.88 -16.12 -21.02
N SER B 136 -3.49 -15.90 -19.87
CA SER B 136 -2.75 -15.70 -18.62
C SER B 136 -2.90 -16.97 -17.80
N VAL B 137 -1.78 -17.48 -17.29
CA VAL B 137 -1.75 -18.65 -16.43
C VAL B 137 -1.23 -18.19 -15.09
N VAL B 138 -1.92 -18.54 -14.01
CA VAL B 138 -1.57 -18.04 -12.69
C VAL B 138 -1.19 -19.19 -11.78
N CYS B 139 -0.11 -19.00 -11.03
CA CYS B 139 0.31 -19.92 -10.00
C CYS B 139 0.26 -19.18 -8.67
N LEU B 140 -0.44 -19.76 -7.70
CA LEU B 140 -0.63 -19.18 -6.38
C LEU B 140 0.11 -20.01 -5.34
N LEU B 141 0.92 -19.33 -4.53
CA LEU B 141 1.56 -19.90 -3.34
C LEU B 141 0.89 -19.25 -2.15
N ASN B 142 0.17 -20.02 -1.36
CA ASN B 142 -0.64 -19.43 -0.31
C ASN B 142 -0.11 -19.71 1.09
N ASN B 143 -0.03 -18.65 1.89
CA ASN B 143 0.15 -18.71 3.34
C ASN B 143 1.41 -19.45 3.76
N PHE B 144 2.55 -18.91 3.36
CA PHE B 144 3.84 -19.54 3.63
C PHE B 144 4.74 -18.62 4.45
N TYR B 145 5.78 -19.23 5.02
CA TYR B 145 6.76 -18.48 5.79
C TYR B 145 8.01 -19.33 5.82
N PRO B 146 9.21 -18.76 5.63
CA PRO B 146 9.53 -17.35 5.36
C PRO B 146 9.22 -16.95 3.92
N ARG B 147 9.53 -15.69 3.61
CA ARG B 147 9.10 -15.08 2.35
C ARG B 147 9.83 -15.68 1.15
N GLU B 148 11.06 -16.16 1.35
CA GLU B 148 11.85 -16.64 0.22
C GLU B 148 11.20 -17.85 -0.43
N ALA B 149 10.98 -17.76 -1.73
CA ALA B 149 10.37 -18.86 -2.48
C ALA B 149 10.83 -18.73 -3.91
N LYS B 150 10.91 -19.86 -4.60
CA LYS B 150 11.27 -19.88 -6.01
C LYS B 150 10.13 -20.52 -6.78
N VAL B 151 9.69 -19.85 -7.83
CA VAL B 151 8.65 -20.36 -8.73
C VAL B 151 9.23 -20.41 -10.13
N GLN B 152 9.15 -21.57 -10.75
CA GLN B 152 9.62 -21.75 -12.11
C GLN B 152 8.48 -22.27 -12.97
N TRP B 153 8.27 -21.62 -14.10
CA TRP B 153 7.29 -22.05 -15.09
C TRP B 153 7.96 -22.93 -16.14
N LYS B 154 7.27 -23.99 -16.52
CA LYS B 154 7.68 -24.85 -17.62
C LYS B 154 6.50 -25.05 -18.54
N VAL B 155 6.75 -24.91 -19.84
CA VAL B 155 5.74 -25.07 -20.88
C VAL B 155 6.29 -26.14 -21.80
N ASP B 156 5.65 -27.30 -21.83
CA ASP B 156 6.20 -28.48 -22.51
C ASP B 156 7.68 -28.65 -22.18
N ASN B 157 7.99 -28.55 -20.90
CA ASN B 157 9.32 -28.75 -20.32
C ASN B 157 10.29 -27.62 -20.63
N ALA B 158 9.87 -26.56 -21.32
CA ALA B 158 10.73 -25.41 -21.56
C ALA B 158 10.65 -24.48 -20.37
N LEU B 159 11.80 -24.22 -19.76
CA LEU B 159 11.87 -23.26 -18.66
C LEU B 159 11.63 -21.86 -19.20
N GLN B 160 10.68 -21.15 -18.59
CA GLN B 160 10.35 -19.80 -19.00
C GLN B 160 11.23 -18.82 -18.28
N SER B 161 11.82 -17.89 -19.01
CA SER B 161 12.67 -16.87 -18.41
C SER B 161 12.27 -15.53 -18.99
N GLY B 162 11.69 -14.66 -18.16
CA GLY B 162 11.28 -13.33 -18.56
C GLY B 162 9.85 -13.19 -19.02
N ASN B 163 9.04 -14.24 -18.91
CA ASN B 163 7.68 -14.26 -19.44
C ASN B 163 6.64 -14.20 -18.34
N SER B 164 7.07 -13.98 -17.10
CA SER B 164 6.14 -14.00 -15.98
C SER B 164 6.46 -12.86 -15.02
N GLN B 165 5.48 -12.51 -14.22
CA GLN B 165 5.67 -11.51 -13.17
C GLN B 165 5.09 -12.02 -11.87
N GLU B 166 5.73 -11.65 -10.78
CA GLU B 166 5.36 -12.08 -9.44
C GLU B 166 4.87 -10.88 -8.63
N SER B 167 3.94 -11.17 -7.74
CA SER B 167 3.48 -10.23 -6.73
C SER B 167 3.40 -10.96 -5.41
N VAL B 168 3.81 -10.30 -4.34
CA VAL B 168 3.83 -10.88 -3.00
C VAL B 168 3.07 -9.97 -2.05
N THR B 169 2.23 -10.56 -1.21
CA THR B 169 1.54 -9.75 -0.23
C THR B 169 2.50 -9.34 0.87
N GLU B 170 2.11 -8.30 1.60
CA GLU B 170 2.79 -8.01 2.84
C GLU B 170 2.42 -9.07 3.87
N GLN B 171 3.18 -9.11 4.94
CA GLN B 171 2.98 -10.15 5.93
C GLN B 171 1.61 -10.02 6.57
N ASP B 172 0.90 -11.13 6.69
CA ASP B 172 -0.45 -11.09 7.23
C ASP B 172 -0.43 -10.70 8.71
N SER B 173 -1.34 -9.80 9.08
CA SER B 173 -1.36 -9.25 10.43
C SER B 173 -1.95 -10.20 11.46
N LYS B 174 -2.53 -11.33 11.03
CA LYS B 174 -3.04 -12.34 11.95
C LYS B 174 -2.17 -13.60 12.03
N ASP B 175 -1.78 -14.18 10.89
CA ASP B 175 -1.05 -15.45 10.91
C ASP B 175 0.40 -15.31 10.50
N SER B 176 0.85 -14.10 10.19
CA SER B 176 2.25 -13.81 9.93
C SER B 176 2.81 -14.53 8.71
N THR B 177 1.97 -14.91 7.77
CA THR B 177 2.43 -15.53 6.53
C THR B 177 2.43 -14.57 5.36
N TYR B 178 2.97 -15.06 4.25
CA TYR B 178 2.98 -14.37 2.97
C TYR B 178 2.21 -15.21 1.96
N SER B 179 1.72 -14.58 0.90
CA SER B 179 1.24 -15.27 -0.27
C SER B 179 1.85 -14.63 -1.51
N LEU B 180 1.90 -15.39 -2.59
CA LEU B 180 2.58 -14.95 -3.79
C LEU B 180 1.82 -15.45 -5.00
N SER B 181 1.73 -14.61 -6.02
CA SER B 181 1.20 -15.01 -7.31
C SER B 181 2.29 -14.86 -8.35
N SER B 182 2.30 -15.76 -9.31
CA SER B 182 3.14 -15.65 -10.48
C SER B 182 2.25 -15.83 -11.69
N THR B 183 2.35 -14.92 -12.64
CA THR B 183 1.46 -14.91 -13.80
C THR B 183 2.30 -14.99 -15.05
N LEU B 184 2.04 -16.02 -15.86
CA LEU B 184 2.69 -16.23 -17.14
C LEU B 184 1.70 -15.80 -18.21
N THR B 185 2.10 -14.89 -19.09
CA THR B 185 1.17 -14.39 -20.11
C THR B 185 1.74 -14.68 -21.49
N LEU B 186 0.88 -15.22 -22.35
CA LEU B 186 1.22 -15.61 -23.71
C LEU B 186 0.07 -15.20 -24.62
N SER B 187 0.34 -15.00 -25.90
CA SER B 187 -0.77 -14.87 -26.82
C SER B 187 -1.49 -16.22 -26.94
N LYS B 188 -2.76 -16.17 -27.38
CA LYS B 188 -3.49 -17.40 -27.64
C LYS B 188 -2.79 -18.21 -28.72
N ALA B 189 -2.28 -17.53 -29.75
CA ALA B 189 -1.61 -18.22 -30.83
C ALA B 189 -0.44 -19.03 -30.29
N ASP B 190 0.32 -18.48 -29.35
CA ASP B 190 1.43 -19.18 -28.74
C ASP B 190 0.93 -20.27 -27.79
N TYR B 191 -0.04 -19.92 -26.95
CA TYR B 191 -0.60 -20.86 -25.97
C TYR B 191 -1.07 -22.15 -26.62
N GLU B 192 -1.70 -22.06 -27.78
CA GLU B 192 -2.28 -23.22 -28.44
C GLU B 192 -1.26 -24.08 -29.17
N LYS B 193 0.02 -23.75 -29.10
CA LYS B 193 1.09 -24.57 -29.65
C LYS B 193 1.66 -25.55 -28.63
N HIS B 194 1.24 -25.49 -27.37
CA HIS B 194 1.87 -26.29 -26.32
C HIS B 194 0.80 -26.97 -25.48
N LYS B 195 1.20 -28.08 -24.85
CA LYS B 195 0.28 -28.90 -24.08
C LYS B 195 0.38 -28.70 -22.57
N VAL B 196 1.55 -28.93 -21.99
CA VAL B 196 1.71 -28.98 -20.54
C VAL B 196 2.15 -27.63 -20.01
N TYR B 197 1.39 -27.08 -19.07
CA TYR B 197 1.69 -25.84 -18.38
C TYR B 197 1.91 -26.19 -16.92
N ALA B 198 3.08 -25.87 -16.38
CA ALA B 198 3.43 -26.31 -15.05
C ALA B 198 4.16 -25.21 -14.29
N CYS B 199 3.88 -25.12 -12.99
CA CYS B 199 4.55 -24.26 -12.06
CA CYS B 199 4.66 -24.28 -12.11
C CYS B 199 5.25 -25.14 -11.01
N GLU B 200 6.54 -24.94 -10.80
CA GLU B 200 7.32 -25.70 -9.84
C GLU B 200 7.79 -24.77 -8.74
N VAL B 201 7.52 -25.16 -7.49
CA VAL B 201 7.72 -24.30 -6.34
C VAL B 201 8.75 -24.93 -5.41
N THR B 202 9.73 -24.12 -5.03
CA THR B 202 10.75 -24.50 -4.05
C THR B 202 10.63 -23.58 -2.84
N HIS B 203 10.63 -24.16 -1.65
CA HIS B 203 10.49 -23.41 -0.41
C HIS B 203 11.05 -24.24 0.72
N GLN B 204 11.59 -23.56 1.74
CA GLN B 204 12.19 -24.22 2.89
C GLN B 204 11.26 -25.22 3.54
N GLY B 205 9.95 -24.96 3.53
CA GLY B 205 9.01 -25.86 4.17
C GLY B 205 8.63 -27.08 3.36
N LEU B 206 9.13 -27.20 2.13
CA LEU B 206 8.88 -28.34 1.26
C LEU B 206 10.14 -29.19 1.19
N SER B 207 10.00 -30.49 1.44
CA SER B 207 11.17 -31.36 1.43
C SER B 207 11.72 -31.50 0.02
N SER B 208 10.88 -31.34 -0.99
CA SER B 208 11.30 -31.31 -2.37
C SER B 208 10.31 -30.45 -3.13
N PRO B 209 10.68 -29.97 -4.32
CA PRO B 209 9.80 -29.02 -5.02
C PRO B 209 8.43 -29.63 -5.35
N VAL B 210 7.42 -28.78 -5.33
CA VAL B 210 6.05 -29.15 -5.65
C VAL B 210 5.74 -28.60 -7.04
N THR B 211 5.16 -29.44 -7.89
CA THR B 211 4.72 -29.01 -9.21
C THR B 211 3.21 -29.15 -9.32
N LYS B 212 2.57 -28.11 -9.83
CA LYS B 212 1.17 -28.18 -10.25
C LYS B 212 1.13 -27.92 -11.74
N SER B 213 0.30 -28.68 -12.45
CA SER B 213 0.30 -28.60 -13.89
C SER B 213 -1.08 -28.91 -14.43
N PHE B 214 -1.29 -28.52 -15.68
CA PHE B 214 -2.47 -28.94 -16.42
C PHE B 214 -2.10 -29.12 -17.89
N ASN B 215 -2.94 -29.83 -18.61
CA ASN B 215 -2.90 -29.91 -20.06
C ASN B 215 -3.89 -28.92 -20.66
N ARG B 216 -3.42 -28.10 -21.60
CA ARG B 216 -4.31 -27.18 -22.29
C ARG B 216 -5.49 -27.92 -22.91
N GLY B 217 -6.69 -27.39 -22.71
CA GLY B 217 -7.85 -27.82 -23.45
C GLY B 217 -8.43 -29.16 -23.05
N GLU B 218 -7.86 -29.85 -22.07
CA GLU B 218 -8.37 -31.18 -21.72
C GLU B 218 -8.36 -31.35 -20.21
N ILE C 2 -4.71 16.67 26.37
CA ILE C 2 -3.35 17.21 26.19
C ILE C 2 -3.03 17.21 24.71
N HIS C 3 -3.47 16.19 23.97
CA HIS C 3 -3.05 16.06 22.58
C HIS C 3 -3.48 17.27 21.76
N ASP C 4 -4.73 17.70 21.89
CA ASP C 4 -5.17 18.81 21.06
C ASP C 4 -4.32 20.05 21.30
N PHE C 5 -3.99 20.32 22.56
CA PHE C 5 -3.15 21.47 22.86
C PHE C 5 -1.77 21.35 22.20
N VAL C 6 -1.14 20.18 22.31
CA VAL C 6 0.17 20.00 21.70
C VAL C 6 0.07 20.11 20.18
N ASP C 7 -1.03 19.60 19.62
CA ASP C 7 -1.21 19.57 18.18
C ASP C 7 -1.40 20.95 17.58
N LYS C 8 -1.71 21.97 18.40
CA LYS C 8 -1.81 23.33 17.92
C LYS C 8 -0.46 24.04 17.82
N THR C 9 0.62 23.42 18.29
CA THR C 9 1.92 24.08 18.26
C THR C 9 2.34 24.30 16.81
N LEU C 10 2.95 25.44 16.55
CA LEU C 10 3.55 25.72 15.25
C LEU C 10 5.03 25.34 15.25
N PRO C 11 5.49 24.56 14.28
CA PRO C 11 6.94 24.34 14.16
C PRO C 11 7.65 25.67 13.97
N ASP C 12 8.89 25.73 14.43
CA ASP C 12 9.70 26.91 14.18
C ASP C 12 9.97 27.05 12.68
N GLN C 13 10.05 28.29 12.24
CA GLN C 13 10.45 28.57 10.88
C GLN C 13 11.94 28.27 10.72
N GLY C 14 12.33 28.03 9.49
CA GLY C 14 13.74 27.79 9.18
C GLY C 14 14.63 29.00 9.44
#